data_8GFD
#
_entry.id   8GFD
#
_cell.length_a   177.253
_cell.length_b   177.253
_cell.length_c   177.253
_cell.angle_alpha   90.000
_cell.angle_beta   90.000
_cell.angle_gamma   90.000
#
_symmetry.space_group_name_H-M   'I 2 3'
#
loop_
_entity.id
_entity.type
_entity.pdbx_description
1 polymer 'Lytic transglycosylase domain-containing protein'
2 non-polymer '2-(1-benzofuran-5-yl)ethyl 2-acetamido-2-deoxy-beta-D-glucopyranoside'
3 non-polymer 'CITRIC ACID'
4 non-polymer 'DIMETHYL SULFOXIDE'
5 water water
#
_entity_poly.entity_id   1
_entity_poly.type   'polypeptide(L)'
_entity_poly.pdbx_seq_one_letter_code
;MGSSHHHHHHSSGLVPRGSHMQYSIEKLKKEENSLAKDYYIYRLLEKNKISKKDAQDLNSHIFRYIGKIKSELEKIIPLK
PYINPKYAKCYTYTANTILDANLTCQSVRLNSLVFIASLNSKDRTTLAQTFKNQRPDLTNLLLAFNTSDPMSYIVQKEDI
NGFFKLYNYSKKYDLDLNTSLVNKLPNHIGFKDFAQNIIIKKENPKFRHSMLEINPENVSEDSAFYLGVNALTYDKTELA
YDFFKKAAQSFKSQSNKDNAIFWMWLIKNNEEDLKTLSQSSSLNIYSLYAKELTNTPFPKIESLNPSKKKNNFNMQDPFA
WQKINKQIRDANASQLDVLAKEFDTQETLPIYAYILERKNNFKKHYFIMPYYDNIKDYNKTRQALILAIARQESRFIPTA
ISVSYALGMMQFMPFLANHIGEKELKIPNFDQDFMFKPEIAYYFGNYHLNYLESRLKSPLFVAYAYNGGIGFTNRMLARN
DMFKTGKFEPFLSMELVPYQESRIYGKKVLANYIVYRHLLNDSIKISDIFENLIQNKANDLNKS
;
_entity_poly.pdbx_strand_id   A
#
# COMPACT_ATOMS: atom_id res chain seq x y z
N TYR A 23 19.61 -22.03 -11.92
CA TYR A 23 19.79 -20.99 -12.97
C TYR A 23 21.08 -20.20 -12.76
N SER A 24 22.04 -20.38 -13.70
CA SER A 24 23.23 -19.55 -13.80
C SER A 24 22.85 -18.14 -14.30
N ILE A 25 23.74 -17.18 -14.10
CA ILE A 25 23.50 -15.82 -14.53
C ILE A 25 23.37 -15.79 -16.06
N GLU A 26 24.07 -16.67 -16.76
CA GLU A 26 24.05 -16.69 -18.23
C GLU A 26 22.66 -17.09 -18.73
N LYS A 27 22.04 -18.10 -18.09
CA LYS A 27 20.70 -18.55 -18.45
C LYS A 27 19.64 -17.50 -18.06
N LEU A 28 19.81 -16.85 -16.89
CA LEU A 28 18.87 -15.84 -16.47
C LEU A 28 18.86 -14.67 -17.45
N LYS A 29 20.04 -14.26 -17.90
CA LYS A 29 20.16 -13.11 -18.78
C LYS A 29 19.37 -13.34 -20.09
N LYS A 30 19.09 -14.59 -20.46
CA LYS A 30 18.27 -14.89 -21.64
C LYS A 30 16.76 -14.82 -21.37
N GLU A 31 16.35 -14.70 -20.12
CA GLU A 31 14.92 -14.55 -19.80
C GLU A 31 14.55 -13.07 -19.96
N GLU A 32 13.27 -12.81 -20.24
CA GLU A 32 12.75 -11.44 -20.27
C GLU A 32 12.89 -10.83 -18.89
N ASN A 33 13.09 -9.51 -18.82
CA ASN A 33 13.14 -8.79 -17.55
C ASN A 33 11.78 -8.94 -16.87
N SER A 34 11.80 -9.25 -15.54
CA SER A 34 10.59 -9.46 -14.74
C SER A 34 10.97 -9.53 -13.28
N LEU A 35 9.94 -9.48 -12.41
CA LEU A 35 10.19 -9.74 -10.99
C LEU A 35 10.73 -11.17 -10.76
N ALA A 36 10.43 -12.13 -11.60
CA ALA A 36 10.92 -13.48 -11.40
C ALA A 36 12.42 -13.50 -11.68
N LYS A 37 12.83 -12.86 -12.78
CA LYS A 37 14.23 -12.80 -13.10
C LYS A 37 14.98 -12.02 -12.04
N ASP A 38 14.40 -10.92 -11.55
CA ASP A 38 15.00 -10.14 -10.49
C ASP A 38 15.23 -10.98 -9.24
N TYR A 39 14.18 -11.70 -8.83
CA TYR A 39 14.26 -12.60 -7.67
C TYR A 39 15.45 -13.57 -7.81
N TYR A 40 15.57 -14.26 -8.95
CA TYR A 40 16.67 -15.21 -9.14
C TYR A 40 18.06 -14.55 -9.23
N ILE A 41 18.15 -13.34 -9.74
CA ILE A 41 19.40 -12.56 -9.66
C ILE A 41 19.72 -12.21 -8.22
N TYR A 42 18.70 -11.83 -7.45
CA TYR A 42 18.92 -11.49 -6.09
C TYR A 42 19.41 -12.74 -5.32
N ARG A 43 18.87 -13.91 -5.66
CA ARG A 43 19.30 -15.12 -4.96
C ARG A 43 20.78 -15.40 -5.24
N LEU A 44 21.25 -15.15 -6.46
CA LEU A 44 22.69 -15.27 -6.74
C LEU A 44 23.52 -14.26 -5.96
N LEU A 45 23.07 -12.99 -5.85
CA LEU A 45 23.80 -11.99 -5.12
C LEU A 45 23.89 -12.36 -3.65
N GLU A 46 22.78 -12.84 -3.06
CA GLU A 46 22.81 -13.12 -1.63
C GLU A 46 23.72 -14.32 -1.33
N LYS A 47 23.99 -15.20 -2.28
CA LYS A 47 24.86 -16.35 -2.10
C LYS A 47 26.29 -16.05 -2.65
N ASN A 48 26.55 -14.78 -2.97
CA ASN A 48 27.87 -14.29 -3.40
C ASN A 48 28.33 -14.94 -4.69
N LYS A 49 27.39 -15.25 -5.59
CA LYS A 49 27.72 -15.98 -6.80
C LYS A 49 27.86 -15.06 -8.02
N ILE A 50 27.68 -13.76 -7.85
CA ILE A 50 27.83 -12.78 -8.91
C ILE A 50 29.19 -12.05 -8.72
N SER A 51 30.05 -12.29 -9.70
CA SER A 51 31.39 -11.69 -9.72
C SER A 51 31.31 -10.23 -10.15
N LYS A 52 32.32 -9.42 -9.78
CA LYS A 52 32.43 -8.06 -10.28
C LYS A 52 32.29 -8.01 -11.80
N LYS A 53 32.82 -9.00 -12.50
CA LYS A 53 32.71 -9.03 -13.96
C LYS A 53 31.29 -9.31 -14.44
N ASP A 54 30.61 -10.29 -13.82
CA ASP A 54 29.22 -10.62 -14.11
C ASP A 54 28.34 -9.39 -13.87
N ALA A 55 28.68 -8.64 -12.83
CA ALA A 55 27.88 -7.50 -12.41
C ALA A 55 27.93 -6.35 -13.42
N GLN A 56 28.91 -6.31 -14.35
CA GLN A 56 29.11 -5.12 -15.19
C GLN A 56 27.83 -4.74 -15.96
N ASP A 57 27.19 -5.67 -16.67
CA ASP A 57 26.07 -5.25 -17.51
C ASP A 57 24.69 -5.39 -16.82
N LEU A 58 24.67 -5.55 -15.49
CA LEU A 58 23.57 -6.29 -14.90
C LEU A 58 22.32 -5.43 -14.71
N ASN A 59 22.47 -4.12 -14.46
CA ASN A 59 21.34 -3.20 -14.25
C ASN A 59 20.37 -3.15 -15.46
N SER A 60 20.83 -3.41 -16.70
CA SER A 60 19.94 -3.56 -17.85
C SER A 60 19.15 -4.89 -17.81
N HIS A 61 19.53 -5.79 -16.89
CA HIS A 61 18.85 -7.07 -16.75
C HIS A 61 17.90 -7.08 -15.56
N ILE A 62 17.77 -5.95 -14.89
CA ILE A 62 16.97 -5.83 -13.70
C ILE A 62 15.70 -5.03 -14.02
N PHE A 63 14.56 -5.65 -13.73
CA PHE A 63 13.23 -5.14 -14.08
C PHE A 63 12.87 -4.00 -13.15
N ARG A 64 13.10 -4.17 -11.84
CA ARG A 64 12.80 -3.15 -10.86
C ARG A 64 14.00 -2.93 -9.95
N TYR A 65 14.75 -1.87 -10.28
CA TYR A 65 16.05 -1.63 -9.66
C TYR A 65 15.88 -0.78 -8.44
N ILE A 66 15.28 -1.40 -7.41
CA ILE A 66 14.92 -0.69 -6.19
C ILE A 66 15.12 -1.63 -5.00
N GLY A 67 15.50 -1.08 -3.85
CA GLY A 67 15.50 -1.86 -2.62
C GLY A 67 16.70 -2.80 -2.56
N LYS A 68 16.50 -4.01 -2.05
CA LYS A 68 17.58 -4.91 -1.67
C LYS A 68 18.46 -5.30 -2.87
N ILE A 69 17.86 -5.55 -4.05
CA ILE A 69 18.66 -5.94 -5.20
C ILE A 69 19.62 -4.80 -5.59
N LYS A 70 19.18 -3.55 -5.43
CA LYS A 70 20.00 -2.38 -5.71
C LYS A 70 21.10 -2.27 -4.66
N SER A 71 20.82 -2.50 -3.37
CA SER A 71 21.86 -2.37 -2.36
C SER A 71 22.90 -3.48 -2.51
N GLU A 72 22.48 -4.72 -2.82
CA GLU A 72 23.42 -5.82 -3.04
C GLU A 72 24.29 -5.55 -4.27
N LEU A 73 23.66 -5.10 -5.35
CA LEU A 73 24.44 -4.92 -6.56
C LEU A 73 25.50 -3.83 -6.31
N GLU A 74 25.14 -2.83 -5.48
CA GLU A 74 25.96 -1.64 -5.29
C GLU A 74 27.11 -1.92 -4.32
N LYS A 75 27.02 -3.00 -3.53
CA LYS A 75 28.16 -3.45 -2.75
C LYS A 75 29.24 -4.03 -3.66
N ILE A 76 28.85 -4.50 -4.85
CA ILE A 76 29.80 -5.00 -5.84
C ILE A 76 30.29 -3.86 -6.74
N ILE A 77 29.38 -3.07 -7.34
CA ILE A 77 29.77 -1.94 -8.17
C ILE A 77 29.06 -0.67 -7.68
N PRO A 78 29.70 0.20 -6.86
CA PRO A 78 29.06 1.46 -6.46
C PRO A 78 28.52 2.17 -7.70
N LEU A 79 27.41 2.91 -7.56
CA LEU A 79 27.13 3.95 -8.56
C LEU A 79 27.63 5.28 -7.99
N LYS A 80 28.53 5.90 -8.78
CA LYS A 80 28.84 7.32 -8.68
C LYS A 80 27.57 8.08 -9.02
N PRO A 81 27.03 7.95 -10.27
CA PRO A 81 25.86 8.71 -10.72
C PRO A 81 24.98 9.42 -9.68
N TYR A 82 24.25 10.47 -10.08
CA TYR A 82 24.30 11.08 -11.41
C TYR A 82 24.10 12.57 -11.24
N ILE A 83 24.97 13.36 -11.87
CA ILE A 83 24.81 14.80 -11.92
C ILE A 83 24.72 15.23 -13.38
N ASN A 84 23.61 15.89 -13.71
CA ASN A 84 23.40 16.51 -15.01
C ASN A 84 24.68 17.24 -15.39
N PRO A 85 25.39 16.85 -16.48
CA PRO A 85 26.66 17.48 -16.87
C PRO A 85 26.64 19.00 -17.06
N LYS A 86 25.46 19.54 -17.39
CA LYS A 86 25.25 20.98 -17.52
C LYS A 86 25.52 21.71 -16.19
N TYR A 87 25.21 21.05 -15.05
CA TYR A 87 25.31 21.66 -13.73
C TYR A 87 26.47 21.12 -12.89
N ALA A 88 27.39 20.35 -13.48
CA ALA A 88 28.43 19.71 -12.69
C ALA A 88 29.26 20.75 -11.95
N LYS A 89 29.54 21.88 -12.58
CA LYS A 89 30.39 22.88 -11.95
C LYS A 89 29.72 23.45 -10.70
N CYS A 90 28.37 23.48 -10.69
CA CYS A 90 27.61 24.01 -9.56
C CYS A 90 27.90 23.24 -8.28
N TYR A 91 28.20 21.94 -8.40
CA TYR A 91 28.44 21.08 -7.25
C TYR A 91 29.91 21.09 -6.83
N THR A 92 30.77 21.92 -7.45
CA THR A 92 32.13 22.15 -6.95
C THR A 92 32.18 23.21 -5.84
N TYR A 93 31.11 23.99 -5.65
CA TYR A 93 31.06 25.00 -4.61
C TYR A 93 30.52 24.37 -3.33
N THR A 94 30.79 25.03 -2.22
CA THR A 94 30.24 24.65 -0.92
C THR A 94 29.58 25.89 -0.34
N ALA A 95 28.99 25.77 0.86
CA ALA A 95 28.45 26.91 1.58
C ALA A 95 29.45 28.05 1.72
N ASN A 96 30.75 27.76 1.89
CA ASN A 96 31.78 28.77 2.06
C ASN A 96 32.10 29.52 0.78
N THR A 97 31.81 28.95 -0.39
CA THR A 97 32.27 29.57 -1.64
C THR A 97 31.12 29.93 -2.60
N ILE A 98 29.87 29.78 -2.17
CA ILE A 98 28.77 29.88 -3.13
C ILE A 98 28.60 31.32 -3.62
N LEU A 99 29.06 32.33 -2.86
CA LEU A 99 28.98 33.70 -3.36
C LEU A 99 29.94 33.97 -4.53
N ASP A 100 30.82 32.99 -4.85
CA ASP A 100 31.75 33.07 -5.98
C ASP A 100 31.11 32.42 -7.20
N ALA A 101 29.96 31.72 -7.04
CA ALA A 101 29.40 30.99 -8.15
C ALA A 101 28.54 31.94 -8.98
N ASN A 102 28.39 31.59 -10.26
CA ASN A 102 27.54 32.35 -11.17
C ASN A 102 26.11 32.19 -10.67
N LEU A 103 25.20 33.01 -11.20
CA LEU A 103 23.83 33.08 -10.70
C LEU A 103 23.06 31.79 -10.92
N THR A 104 23.29 31.12 -12.05
CA THR A 104 22.64 29.85 -12.30
C THR A 104 23.05 28.81 -11.24
N CYS A 105 24.36 28.77 -10.92
CA CYS A 105 24.90 27.82 -9.93
C CYS A 105 24.31 28.12 -8.55
N GLN A 106 24.21 29.41 -8.19
CA GLN A 106 23.64 29.82 -6.93
C GLN A 106 22.19 29.34 -6.83
N SER A 107 21.40 29.51 -7.90
CA SER A 107 20.00 29.12 -7.75
C SER A 107 19.81 27.59 -7.78
N VAL A 108 20.61 26.84 -8.53
CA VAL A 108 20.56 25.38 -8.52
C VAL A 108 20.86 24.83 -7.09
N ARG A 109 21.86 25.36 -6.39
CA ARG A 109 22.26 24.84 -5.09
C ARG A 109 21.22 25.21 -4.02
N LEU A 110 20.46 26.30 -4.22
CA LEU A 110 19.43 26.72 -3.28
C LEU A 110 18.12 25.95 -3.41
N ASN A 111 18.07 25.00 -4.35
CA ASN A 111 17.00 24.02 -4.34
C ASN A 111 17.01 23.13 -3.09
N SER A 112 18.17 23.01 -2.40
CA SER A 112 18.31 22.15 -1.21
C SER A 112 18.14 22.97 0.05
N LEU A 113 17.15 22.63 0.90
CA LEU A 113 16.99 23.31 2.17
C LEU A 113 18.13 23.04 3.15
N VAL A 114 18.67 21.84 3.16
CA VAL A 114 19.85 21.57 3.96
C VAL A 114 20.99 22.53 3.54
N PHE A 115 21.16 22.72 2.23
CA PHE A 115 22.16 23.67 1.75
C PHE A 115 21.89 25.07 2.30
N ILE A 116 20.65 25.56 2.22
CA ILE A 116 20.27 26.84 2.81
C ILE A 116 20.56 26.89 4.32
N ALA A 117 20.21 25.84 5.04
CA ALA A 117 20.41 25.78 6.50
C ALA A 117 21.91 25.90 6.86
N SER A 118 22.78 25.40 5.96
CA SER A 118 24.23 25.36 6.18
C SER A 118 24.88 26.73 5.96
N LEU A 119 24.18 27.65 5.29
CA LEU A 119 24.76 28.95 4.94
C LEU A 119 24.86 29.80 6.19
N ASN A 120 25.79 30.75 6.19
CA ASN A 120 25.77 31.72 7.27
C ASN A 120 24.70 32.79 6.96
N SER A 121 24.27 33.48 8.00
CA SER A 121 23.09 34.32 7.91
C SER A 121 23.40 35.56 7.07
N LYS A 122 24.65 36.07 7.07
CA LYS A 122 25.00 37.20 6.21
C LYS A 122 24.86 36.82 4.74
N ASP A 123 25.28 35.59 4.36
CA ASP A 123 25.16 35.12 3.00
C ASP A 123 23.69 34.85 2.63
N ARG A 124 22.86 34.39 3.58
CA ARG A 124 21.44 34.25 3.30
C ARG A 124 20.82 35.61 2.99
N THR A 125 21.20 36.66 3.74
CA THR A 125 20.73 38.02 3.49
C THR A 125 21.12 38.52 2.10
N THR A 126 22.36 38.30 1.69
CA THR A 126 22.88 38.71 0.38
C THR A 126 22.14 38.01 -0.73
N LEU A 127 22.05 36.67 -0.62
CA LEU A 127 21.37 35.88 -1.64
C LEU A 127 19.88 36.23 -1.73
N ALA A 128 19.23 36.54 -0.60
CA ALA A 128 17.79 36.89 -0.63
C ALA A 128 17.53 38.18 -1.45
N GLN A 129 18.43 39.14 -1.31
CA GLN A 129 18.40 40.34 -2.14
C GLN A 129 18.61 40.03 -3.61
N THR A 130 19.63 39.22 -3.93
CA THR A 130 19.92 38.80 -5.30
C THR A 130 18.66 38.22 -5.96
N PHE A 131 17.88 37.41 -5.22
CA PHE A 131 16.82 36.63 -5.85
C PHE A 131 15.44 37.24 -5.63
N LYS A 132 15.33 38.38 -4.93
CA LYS A 132 14.01 38.89 -4.57
C LYS A 132 13.07 39.09 -5.78
N ASN A 133 13.63 39.59 -6.89
CA ASN A 133 12.89 39.83 -8.13
C ASN A 133 12.57 38.54 -8.87
N GLN A 134 13.59 37.74 -9.26
CA GLN A 134 13.32 36.62 -10.15
C GLN A 134 12.84 35.36 -9.38
N ARG A 135 13.25 35.21 -8.11
CA ARG A 135 12.96 33.98 -7.37
C ARG A 135 12.56 34.30 -5.94
N PRO A 136 11.39 34.95 -5.73
CA PRO A 136 10.93 35.32 -4.40
C PRO A 136 10.69 34.07 -3.53
N ASP A 137 10.45 32.91 -4.15
CA ASP A 137 10.41 31.63 -3.43
C ASP A 137 11.73 31.38 -2.67
N LEU A 138 12.87 31.61 -3.32
CA LEU A 138 14.19 31.44 -2.74
C LEU A 138 14.41 32.48 -1.66
N THR A 139 14.05 33.74 -1.95
CA THR A 139 14.13 34.81 -0.97
C THR A 139 13.40 34.43 0.32
N ASN A 140 12.18 33.93 0.18
CA ASN A 140 11.38 33.58 1.35
C ASN A 140 12.07 32.52 2.22
N LEU A 141 12.65 31.50 1.58
CA LEU A 141 13.30 30.43 2.33
C LEU A 141 14.61 30.90 2.99
N LEU A 142 15.38 31.72 2.27
CA LEU A 142 16.62 32.28 2.81
C LEU A 142 16.33 33.12 4.03
N LEU A 143 15.35 34.03 3.95
CA LEU A 143 15.10 34.85 5.10
C LEU A 143 14.45 34.02 6.20
N ALA A 144 13.68 32.96 5.84
CA ALA A 144 13.06 32.10 6.85
C ALA A 144 14.12 31.44 7.75
N PHE A 145 15.18 30.98 7.12
CA PHE A 145 16.28 30.31 7.81
C PHE A 145 17.19 31.28 8.59
N ASN A 146 17.03 32.60 8.41
CA ASN A 146 17.61 33.57 9.33
C ASN A 146 16.80 33.73 10.61
N THR A 147 15.62 33.08 10.75
CA THR A 147 14.85 33.18 12.00
C THR A 147 15.02 31.90 12.78
N SER A 148 14.56 31.93 14.05
CA SER A 148 14.58 30.73 14.87
C SER A 148 13.41 29.79 14.53
N ASP A 149 12.43 30.21 13.69
CA ASP A 149 11.38 29.27 13.26
C ASP A 149 11.01 29.53 11.80
N PRO A 150 11.71 28.86 10.87
CA PRO A 150 11.51 29.10 9.44
C PRO A 150 10.04 28.81 9.02
N MET A 151 9.38 27.86 9.68
CA MET A 151 7.98 27.53 9.34
C MET A 151 7.03 28.68 9.64
N SER A 152 7.25 29.41 10.74
CA SER A 152 6.44 30.53 11.09
C SER A 152 6.56 31.66 10.05
N TYR A 153 7.79 31.89 9.58
CA TYR A 153 8.06 32.89 8.57
C TYR A 153 7.35 32.52 7.25
N ILE A 154 7.45 31.26 6.83
CA ILE A 154 6.85 30.78 5.59
C ILE A 154 5.30 30.80 5.70
N VAL A 155 4.78 30.53 6.89
CA VAL A 155 3.32 30.53 7.11
C VAL A 155 2.79 31.97 7.06
N GLN A 156 3.53 32.93 7.63
CA GLN A 156 3.15 34.33 7.58
C GLN A 156 3.15 34.84 6.13
N LYS A 157 4.08 34.40 5.28
CA LYS A 157 4.10 34.73 3.86
C LYS A 157 3.03 34.00 3.04
N GLU A 158 2.43 32.94 3.58
CA GLU A 158 1.46 32.07 2.89
C GLU A 158 2.10 31.54 1.61
N ASP A 159 3.39 31.16 1.73
CA ASP A 159 4.15 30.60 0.62
C ASP A 159 3.92 29.10 0.63
N ILE A 160 3.04 28.62 -0.29
CA ILE A 160 2.59 27.25 -0.25
C ILE A 160 3.71 26.27 -0.66
N ASN A 161 4.45 26.59 -1.72
CA ASN A 161 5.52 25.71 -2.18
C ASN A 161 6.59 25.63 -1.08
N GLY A 162 6.85 26.77 -0.43
CA GLY A 162 7.78 26.89 0.70
C GLY A 162 7.35 26.03 1.88
N PHE A 163 6.05 26.02 2.20
CA PHE A 163 5.50 25.21 3.25
C PHE A 163 5.81 23.74 3.02
N PHE A 164 5.50 23.21 1.82
CA PHE A 164 5.73 21.81 1.57
C PHE A 164 7.23 21.48 1.58
N LYS A 165 8.07 22.36 1.02
CA LYS A 165 9.53 22.15 1.07
C LYS A 165 9.99 22.02 2.51
N LEU A 166 9.51 22.88 3.39
CA LEU A 166 9.90 22.83 4.79
C LEU A 166 9.40 21.61 5.49
N TYR A 167 8.16 21.16 5.17
CA TYR A 167 7.63 19.93 5.71
C TYR A 167 8.47 18.73 5.26
N ASN A 168 8.83 18.65 3.99
CA ASN A 168 9.64 17.56 3.50
C ASN A 168 11.03 17.57 4.18
N TYR A 169 11.56 18.76 4.44
CA TYR A 169 12.83 18.97 5.15
C TYR A 169 12.74 18.47 6.58
N SER A 170 11.71 18.88 7.31
CA SER A 170 11.54 18.44 8.67
C SER A 170 10.06 18.39 9.02
N LYS A 171 9.64 17.20 9.46
CA LYS A 171 8.31 16.94 10.01
C LYS A 171 8.09 17.49 11.40
N LYS A 172 9.11 18.08 12.04
CA LYS A 172 8.99 18.46 13.42
C LYS A 172 8.36 19.84 13.55
N TYR A 173 8.42 20.67 12.50
CA TYR A 173 7.75 21.95 12.54
C TYR A 173 6.26 21.71 12.73
N ASP A 174 5.66 22.50 13.63
CA ASP A 174 4.21 22.41 13.88
C ASP A 174 3.71 23.79 14.32
N LEU A 175 2.62 24.28 13.72
CA LEU A 175 2.14 25.62 14.01
C LEU A 175 0.65 25.64 13.69
N ASP A 176 -0.11 26.52 14.33
CA ASP A 176 -1.48 26.78 13.89
C ASP A 176 -1.48 27.51 12.54
N LEU A 177 -2.44 27.12 11.68
CA LEU A 177 -2.58 27.67 10.36
C LEU A 177 -4.01 28.23 10.25
N ASN A 178 -4.16 29.43 9.70
CA ASN A 178 -5.44 30.11 9.69
C ASN A 178 -6.27 29.56 8.51
N THR A 179 -7.53 29.99 8.46
CA THR A 179 -8.50 29.45 7.51
C THR A 179 -8.03 29.68 6.08
N SER A 180 -7.57 30.89 5.79
CA SER A 180 -7.08 31.22 4.46
C SER A 180 -5.94 30.32 3.99
N LEU A 181 -4.92 30.12 4.84
CA LEU A 181 -3.77 29.31 4.48
C LEU A 181 -4.13 27.83 4.31
N VAL A 182 -4.90 27.27 5.21
CA VAL A 182 -5.18 25.84 5.16
C VAL A 182 -6.00 25.53 3.91
N ASN A 183 -6.83 26.47 3.43
CA ASN A 183 -7.64 26.27 2.23
C ASN A 183 -6.81 26.37 0.97
N LYS A 184 -5.58 26.89 1.07
CA LYS A 184 -4.68 26.91 -0.07
C LYS A 184 -3.84 25.63 -0.20
N LEU A 185 -3.64 24.89 0.89
CA LEU A 185 -2.75 23.74 0.86
C LEU A 185 -3.22 22.62 -0.08
N PRO A 186 -4.56 22.33 -0.20
CA PRO A 186 -5.00 21.17 -1.00
C PRO A 186 -4.64 21.23 -2.47
N ASN A 187 -4.34 22.42 -3.01
CA ASN A 187 -4.02 22.58 -4.42
C ASN A 187 -2.63 22.06 -4.74
N HIS A 188 -1.79 21.75 -3.75
CA HIS A 188 -0.42 21.32 -3.99
C HIS A 188 -0.37 19.79 -4.00
N ILE A 189 0.44 19.22 -4.89
CA ILE A 189 0.52 17.75 -5.04
C ILE A 189 0.90 17.02 -3.75
N GLY A 190 1.64 17.70 -2.86
CA GLY A 190 2.10 17.15 -1.59
C GLY A 190 1.01 17.02 -0.54
N PHE A 191 -0.15 17.69 -0.73
CA PHE A 191 -1.17 17.72 0.30
C PHE A 191 -1.67 16.33 0.70
N LYS A 192 -1.96 15.44 -0.27
CA LYS A 192 -2.59 14.17 0.05
C LYS A 192 -1.73 13.32 1.03
N ASP A 193 -0.44 13.23 0.76
CA ASP A 193 0.51 12.49 1.61
C ASP A 193 0.74 13.18 2.97
N PHE A 194 0.83 14.52 2.95
CA PHE A 194 0.87 15.34 4.15
C PHE A 194 -0.30 15.01 5.08
N ALA A 195 -1.53 15.11 4.58
CA ALA A 195 -2.70 14.92 5.40
C ALA A 195 -2.76 13.48 5.89
N GLN A 196 -2.51 12.53 4.99
CA GLN A 196 -2.59 11.13 5.40
C GLN A 196 -1.58 10.89 6.52
N ASN A 197 -0.34 11.31 6.29
CA ASN A 197 0.73 11.06 7.25
C ASN A 197 0.41 11.64 8.63
N ILE A 198 0.03 12.91 8.72
CA ILE A 198 -0.14 13.53 10.02
C ILE A 198 -1.40 13.00 10.73
N ILE A 199 -2.45 12.64 9.99
CA ILE A 199 -3.69 12.12 10.61
C ILE A 199 -3.50 10.69 11.15
N ILE A 200 -2.95 9.79 10.33
CA ILE A 200 -2.71 8.40 10.70
C ILE A 200 -1.64 8.29 11.80
N LYS A 201 -0.57 9.07 11.73
CA LYS A 201 0.53 8.93 12.68
C LYS A 201 0.22 9.74 13.94
N LYS A 202 -0.85 10.54 13.93
CA LYS A 202 -1.22 11.36 15.07
C LYS A 202 -0.06 12.27 15.40
N GLU A 203 0.45 12.91 14.37
CA GLU A 203 1.57 13.84 14.51
C GLU A 203 1.07 15.24 14.22
N ASN A 204 1.95 16.20 14.52
CA ASN A 204 1.73 17.59 14.17
C ASN A 204 0.32 18.03 14.56
N PRO A 205 0.01 18.10 15.87
CA PRO A 205 -1.34 18.41 16.31
C PRO A 205 -1.88 19.79 15.97
N LYS A 206 -1.02 20.81 15.87
CA LYS A 206 -1.50 22.11 15.48
C LYS A 206 -1.93 22.10 14.00
N PHE A 207 -1.13 21.43 13.16
CA PHE A 207 -1.52 21.25 11.76
C PHE A 207 -2.86 20.49 11.69
N ARG A 208 -2.96 19.38 12.43
CA ARG A 208 -4.17 18.54 12.44
C ARG A 208 -5.40 19.33 12.81
N HIS A 209 -5.32 20.11 13.89
CA HIS A 209 -6.43 20.93 14.35
C HIS A 209 -6.82 22.00 13.34
N SER A 210 -5.82 22.60 12.69
CA SER A 210 -6.02 23.61 11.68
C SER A 210 -6.86 23.06 10.49
N MET A 211 -6.64 21.76 10.18
CA MET A 211 -7.23 21.18 8.96
C MET A 211 -8.73 20.96 9.17
N LEU A 212 -9.26 21.21 10.37
CA LEU A 212 -10.72 21.25 10.60
C LEU A 212 -11.38 22.37 9.79
N GLU A 213 -10.61 23.39 9.39
CA GLU A 213 -11.21 24.57 8.77
C GLU A 213 -11.11 24.51 7.24
N ILE A 214 -10.67 23.39 6.70
CA ILE A 214 -10.64 23.21 5.27
C ILE A 214 -12.08 23.04 4.78
N ASN A 215 -12.44 23.85 3.78
CA ASN A 215 -13.75 23.76 3.14
C ASN A 215 -13.78 22.47 2.31
N PRO A 216 -14.79 21.60 2.52
CA PRO A 216 -14.91 20.37 1.71
C PRO A 216 -14.94 20.61 0.19
N GLU A 217 -15.41 21.81 -0.22
CA GLU A 217 -15.37 22.18 -1.62
C GLU A 217 -13.95 22.19 -2.17
N ASN A 218 -12.93 22.33 -1.30
CA ASN A 218 -11.54 22.45 -1.77
C ASN A 218 -10.80 21.13 -1.80
N VAL A 219 -11.41 20.00 -1.38
CA VAL A 219 -10.73 18.71 -1.33
C VAL A 219 -11.60 17.65 -2.01
N SER A 220 -10.99 16.49 -2.32
CA SER A 220 -11.76 15.42 -2.93
C SER A 220 -11.06 14.10 -2.63
N GLU A 221 -11.73 13.00 -2.98
CA GLU A 221 -11.16 11.67 -2.93
C GLU A 221 -10.53 11.37 -1.59
N ASP A 222 -9.31 10.79 -1.60
CA ASP A 222 -8.61 10.33 -0.43
C ASP A 222 -8.46 11.45 0.59
N SER A 223 -8.07 12.64 0.10
CA SER A 223 -7.85 13.79 0.97
C SER A 223 -9.12 14.15 1.76
N ALA A 224 -10.26 14.27 1.06
CA ALA A 224 -11.52 14.50 1.71
C ALA A 224 -11.79 13.44 2.79
N PHE A 225 -11.59 12.18 2.43
CA PHE A 225 -11.85 11.09 3.35
C PHE A 225 -11.00 11.21 4.63
N TYR A 226 -9.68 11.38 4.46
CA TYR A 226 -8.81 11.59 5.62
C TYR A 226 -9.24 12.79 6.47
N LEU A 227 -9.69 13.88 5.87
CA LEU A 227 -10.13 15.03 6.62
C LEU A 227 -11.41 14.75 7.39
N GLY A 228 -12.25 13.85 6.86
CA GLY A 228 -13.38 13.30 7.63
C GLY A 228 -12.97 12.51 8.86
N VAL A 229 -11.95 11.65 8.71
CA VAL A 229 -11.41 10.90 9.84
C VAL A 229 -10.84 11.87 10.89
N ASN A 230 -10.07 12.85 10.43
CA ASN A 230 -9.53 13.92 11.28
C ASN A 230 -10.66 14.58 12.08
N ALA A 231 -11.73 14.99 11.40
CA ALA A 231 -12.82 15.68 12.09
C ALA A 231 -13.45 14.76 13.15
N LEU A 232 -13.59 13.45 12.89
CA LEU A 232 -14.12 12.53 13.90
C LEU A 232 -13.26 12.52 15.17
N THR A 233 -11.93 12.56 15.03
CA THR A 233 -11.05 12.47 16.19
C THR A 233 -11.22 13.68 17.10
N TYR A 234 -11.70 14.84 16.58
CA TYR A 234 -11.98 16.05 17.34
C TYR A 234 -13.48 16.15 17.65
N ASP A 235 -14.24 15.08 17.43
CA ASP A 235 -15.69 15.02 17.60
C ASP A 235 -16.41 16.17 16.89
N LYS A 236 -15.98 16.50 15.69
CA LYS A 236 -16.64 17.49 14.88
C LYS A 236 -17.46 16.72 13.83
N THR A 237 -18.60 16.17 14.24
CA THR A 237 -19.27 15.14 13.42
C THR A 237 -19.96 15.77 12.22
N GLU A 238 -20.49 16.99 12.33
CA GLU A 238 -21.09 17.62 11.16
C GLU A 238 -20.03 17.92 10.09
N LEU A 239 -18.85 18.41 10.50
CA LEU A 239 -17.78 18.63 9.53
C LEU A 239 -17.35 17.28 8.91
N ALA A 240 -17.28 16.23 9.72
CA ALA A 240 -16.86 14.91 9.27
C ALA A 240 -17.82 14.44 8.18
N TYR A 241 -19.11 14.53 8.46
CA TYR A 241 -20.11 14.15 7.46
C TYR A 241 -19.89 14.86 6.12
N ASP A 242 -19.67 16.18 6.16
CA ASP A 242 -19.46 16.95 4.95
C ASP A 242 -18.22 16.49 4.17
N PHE A 243 -17.12 16.19 4.86
CA PHE A 243 -15.95 15.65 4.17
C PHE A 243 -16.24 14.29 3.55
N PHE A 244 -16.87 13.39 4.32
CA PHE A 244 -17.12 12.05 3.82
C PHE A 244 -18.09 12.06 2.61
N LYS A 245 -19.04 13.00 2.62
CA LYS A 245 -19.98 13.14 1.52
C LYS A 245 -19.24 13.60 0.28
N LYS A 246 -18.28 14.51 0.46
CA LYS A 246 -17.49 14.95 -0.67
C LYS A 246 -16.62 13.81 -1.21
N ALA A 247 -16.05 13.01 -0.33
CA ALA A 247 -15.28 11.84 -0.72
C ALA A 247 -16.16 10.88 -1.54
N ALA A 248 -17.36 10.60 -1.04
CA ALA A 248 -18.25 9.63 -1.70
C ALA A 248 -18.56 10.12 -3.12
N GLN A 249 -18.76 11.44 -3.25
CA GLN A 249 -19.12 12.03 -4.54
C GLN A 249 -17.96 12.04 -5.53
N SER A 250 -16.71 11.89 -5.09
CA SER A 250 -15.56 12.09 -5.93
C SER A 250 -14.68 10.87 -6.11
N PHE A 251 -14.79 9.87 -5.22
CA PHE A 251 -13.93 8.72 -5.31
C PHE A 251 -14.16 8.03 -6.66
N LYS A 252 -13.07 7.56 -7.27
CA LYS A 252 -13.15 6.81 -8.52
C LYS A 252 -13.60 5.36 -8.27
N SER A 253 -13.18 4.75 -7.16
CA SER A 253 -13.44 3.32 -6.95
C SER A 253 -14.69 3.15 -6.06
N GLN A 254 -15.55 2.21 -6.48
CA GLN A 254 -16.79 1.94 -5.80
C GLN A 254 -16.52 1.48 -4.36
N SER A 255 -15.47 0.65 -4.13
CA SER A 255 -15.10 0.21 -2.80
C SER A 255 -14.81 1.40 -1.87
N ASN A 256 -14.02 2.38 -2.34
CA ASN A 256 -13.76 3.58 -1.55
C ASN A 256 -15.02 4.42 -1.35
N LYS A 257 -15.84 4.58 -2.41
CA LYS A 257 -17.09 5.30 -2.25
C LYS A 257 -17.95 4.69 -1.13
N ASP A 258 -18.04 3.35 -1.14
CA ASP A 258 -18.78 2.62 -0.11
C ASP A 258 -18.26 2.89 1.28
N ASN A 259 -16.93 2.95 1.47
CA ASN A 259 -16.36 3.28 2.76
C ASN A 259 -16.81 4.68 3.23
N ALA A 260 -16.83 5.65 2.33
CA ALA A 260 -17.28 7.02 2.63
C ALA A 260 -18.78 7.07 2.95
N ILE A 261 -19.59 6.39 2.15
CA ILE A 261 -21.05 6.30 2.42
C ILE A 261 -21.33 5.63 3.77
N PHE A 262 -20.53 4.63 4.12
CA PHE A 262 -20.69 4.03 5.43
C PHE A 262 -20.49 5.04 6.55
N TRP A 263 -19.47 5.94 6.42
CA TRP A 263 -19.30 6.94 7.45
C TRP A 263 -20.45 7.95 7.48
N MET A 264 -20.91 8.36 6.28
CA MET A 264 -22.07 9.24 6.19
C MET A 264 -23.23 8.65 7.01
N TRP A 265 -23.46 7.34 6.79
CA TRP A 265 -24.51 6.62 7.52
C TRP A 265 -24.27 6.54 9.03
N LEU A 266 -23.07 6.12 9.49
CA LEU A 266 -22.77 6.03 10.89
C LEU A 266 -22.97 7.36 11.62
N ILE A 267 -22.66 8.47 10.94
CA ILE A 267 -22.72 9.76 11.58
C ILE A 267 -24.16 10.30 11.63
N LYS A 268 -24.90 10.21 10.52
CA LYS A 268 -26.18 10.94 10.45
C LYS A 268 -27.37 9.99 10.34
N ASN A 269 -27.14 8.70 10.08
CA ASN A 269 -28.19 7.68 10.05
C ASN A 269 -29.29 7.94 9.03
N ASN A 270 -28.97 8.55 7.89
CA ASN A 270 -29.94 8.65 6.80
C ASN A 270 -30.11 7.27 6.18
N GLU A 271 -31.37 6.78 6.15
CA GLU A 271 -31.59 5.42 5.68
C GLU A 271 -31.39 5.29 4.18
N GLU A 272 -31.45 6.38 3.41
CA GLU A 272 -31.12 6.30 2.00
C GLU A 272 -29.62 6.00 1.76
N ASP A 273 -28.74 6.48 2.63
CA ASP A 273 -27.29 6.20 2.50
C ASP A 273 -27.05 4.71 2.75
N LEU A 274 -27.72 4.15 3.75
CA LEU A 274 -27.54 2.73 4.06
C LEU A 274 -28.09 1.85 2.95
N LYS A 275 -29.22 2.27 2.37
CA LYS A 275 -29.81 1.55 1.26
C LYS A 275 -28.88 1.56 0.05
N THR A 276 -28.30 2.73 -0.28
CA THR A 276 -27.37 2.80 -1.39
C THR A 276 -26.15 1.89 -1.17
N LEU A 277 -25.63 1.92 0.04
CA LEU A 277 -24.50 1.04 0.41
C LEU A 277 -24.89 -0.43 0.28
N SER A 278 -26.13 -0.84 0.71
CA SER A 278 -26.53 -2.24 0.66
C SER A 278 -26.70 -2.73 -0.78
N GLN A 279 -26.92 -1.81 -1.73
CA GLN A 279 -27.09 -2.19 -3.13
C GLN A 279 -25.81 -2.02 -3.93
N SER A 280 -24.66 -1.78 -3.29
CA SER A 280 -23.42 -1.61 -4.03
C SER A 280 -23.06 -2.85 -4.88
N SER A 281 -22.48 -2.60 -6.05
CA SER A 281 -21.85 -3.61 -6.92
C SER A 281 -20.49 -4.09 -6.37
N SER A 282 -19.92 -3.36 -5.40
CA SER A 282 -18.64 -3.75 -4.81
C SER A 282 -18.90 -4.59 -3.57
N LEU A 283 -18.22 -5.73 -3.49
CA LEU A 283 -18.24 -6.56 -2.30
C LEU A 283 -17.08 -6.17 -1.40
N ASN A 284 -17.39 -5.56 -0.28
CA ASN A 284 -16.42 -5.11 0.70
C ASN A 284 -17.10 -5.24 2.05
N ILE A 285 -16.38 -4.95 3.14
CA ILE A 285 -16.96 -5.08 4.44
C ILE A 285 -18.15 -4.13 4.69
N TYR A 286 -18.16 -2.95 4.07
CA TYR A 286 -19.19 -1.94 4.27
C TYR A 286 -20.49 -2.38 3.58
N SER A 287 -20.39 -2.77 2.32
CA SER A 287 -21.55 -3.29 1.61
C SER A 287 -22.10 -4.56 2.23
N LEU A 288 -21.23 -5.45 2.72
CA LEU A 288 -21.66 -6.68 3.39
C LEU A 288 -22.39 -6.34 4.68
N TYR A 289 -21.83 -5.43 5.48
CA TYR A 289 -22.47 -4.99 6.72
C TYR A 289 -23.85 -4.39 6.45
N ALA A 290 -23.93 -3.49 5.47
CA ALA A 290 -25.18 -2.83 5.14
C ALA A 290 -26.24 -3.85 4.69
N LYS A 291 -25.85 -4.87 3.93
CA LYS A 291 -26.74 -5.94 3.51
C LYS A 291 -27.29 -6.67 4.74
N GLU A 292 -26.42 -7.01 5.67
CA GLU A 292 -26.82 -7.66 6.90
C GLU A 292 -27.79 -6.80 7.72
N LEU A 293 -27.53 -5.50 7.85
CA LEU A 293 -28.37 -4.61 8.65
C LEU A 293 -29.76 -4.43 8.03
N THR A 294 -29.92 -4.68 6.73
CA THR A 294 -31.17 -4.37 6.02
C THR A 294 -31.88 -5.65 5.57
N ASN A 295 -31.40 -6.81 6.03
CA ASN A 295 -31.97 -8.10 5.62
C ASN A 295 -31.91 -8.29 4.12
N THR A 296 -30.84 -7.79 3.46
CA THR A 296 -30.62 -7.99 2.05
C THR A 296 -29.86 -9.31 1.85
N PRO A 297 -30.23 -10.13 0.83
CA PRO A 297 -29.55 -11.38 0.54
C PRO A 297 -28.05 -11.19 0.26
N PHE A 298 -27.29 -12.21 0.66
CA PHE A 298 -25.87 -12.23 0.43
C PHE A 298 -25.58 -12.05 -1.05
N PRO A 299 -24.49 -11.35 -1.48
CA PRO A 299 -24.26 -11.18 -2.90
C PRO A 299 -24.02 -12.52 -3.60
N LYS A 300 -24.30 -12.53 -4.90
CA LYS A 300 -24.10 -13.67 -5.76
C LYS A 300 -22.61 -13.89 -6.00
N ILE A 301 -22.16 -15.11 -5.74
CA ILE A 301 -20.76 -15.50 -5.97
C ILE A 301 -20.70 -16.41 -7.19
N GLU A 302 -19.85 -16.09 -8.18
CA GLU A 302 -19.75 -16.92 -9.37
C GLU A 302 -19.29 -18.32 -8.99
N SER A 303 -19.64 -19.26 -9.87
CA SER A 303 -19.20 -20.63 -9.73
C SER A 303 -18.47 -21.02 -11.00
N LEU A 304 -17.16 -21.30 -10.85
CA LEU A 304 -16.28 -21.68 -11.94
C LEU A 304 -16.00 -23.18 -11.81
N ASN A 305 -16.40 -23.95 -12.80
CA ASN A 305 -16.16 -25.37 -12.74
C ASN A 305 -15.76 -25.85 -14.14
N PRO A 306 -14.50 -25.61 -14.58
CA PRO A 306 -14.12 -25.97 -15.94
C PRO A 306 -14.23 -27.49 -16.13
N SER A 307 -14.82 -27.93 -17.26
CA SER A 307 -14.86 -29.37 -17.55
C SER A 307 -13.49 -29.87 -18.02
N LYS A 308 -12.77 -29.09 -18.85
CA LYS A 308 -11.43 -29.48 -19.30
C LYS A 308 -10.49 -29.55 -18.09
N LYS A 309 -9.68 -30.62 -18.00
CA LYS A 309 -8.88 -30.90 -16.81
C LYS A 309 -7.49 -30.27 -16.86
N LYS A 310 -6.87 -30.15 -18.05
CA LYS A 310 -5.51 -29.59 -18.11
C LYS A 310 -5.25 -28.91 -19.46
N ASN A 311 -4.15 -28.14 -19.51
CA ASN A 311 -3.54 -27.72 -20.76
C ASN A 311 -2.02 -27.92 -20.62
N ASN A 312 -1.25 -27.30 -21.51
CA ASN A 312 0.19 -27.47 -21.58
C ASN A 312 0.92 -26.62 -20.54
N PHE A 313 0.28 -25.53 -20.09
CA PHE A 313 0.91 -24.50 -19.26
C PHE A 313 1.46 -25.14 -17.98
N ASN A 314 2.70 -24.75 -17.66
CA ASN A 314 3.35 -25.14 -16.42
C ASN A 314 3.08 -24.13 -15.29
N MET A 315 2.24 -24.53 -14.31
CA MET A 315 1.82 -23.71 -13.17
C MET A 315 2.95 -23.60 -12.15
N GLN A 316 4.07 -24.31 -12.40
CA GLN A 316 5.17 -24.28 -11.46
C GLN A 316 6.36 -23.51 -12.05
N ASP A 317 6.19 -22.95 -13.25
CA ASP A 317 7.23 -22.16 -13.87
C ASP A 317 7.02 -20.67 -13.62
N PRO A 318 7.86 -20.02 -12.79
CA PRO A 318 7.63 -18.61 -12.45
C PRO A 318 7.79 -17.66 -13.65
N PHE A 319 8.69 -18.01 -14.60
CA PHE A 319 8.92 -17.22 -15.80
C PHE A 319 7.71 -17.27 -16.75
N ALA A 320 7.07 -18.42 -16.86
CA ALA A 320 5.87 -18.59 -17.67
C ALA A 320 4.71 -17.76 -17.12
N TRP A 321 4.56 -17.68 -15.80
CA TRP A 321 3.54 -16.80 -15.22
C TRP A 321 3.85 -15.33 -15.54
N GLN A 322 5.09 -14.87 -15.37
CA GLN A 322 5.43 -13.47 -15.64
C GLN A 322 5.03 -13.07 -17.08
N LYS A 323 5.29 -13.96 -18.04
CA LYS A 323 4.98 -13.80 -19.45
C LYS A 323 3.46 -13.70 -19.71
N ILE A 324 2.68 -14.63 -19.15
CA ILE A 324 1.25 -14.67 -19.37
C ILE A 324 0.58 -13.51 -18.64
N ASN A 325 1.11 -13.09 -17.47
CA ASN A 325 0.56 -11.98 -16.72
C ASN A 325 0.65 -10.69 -17.54
N LYS A 326 1.82 -10.52 -18.17
CA LYS A 326 2.05 -9.31 -18.93
C LYS A 326 1.08 -9.27 -20.11
N GLN A 327 0.91 -10.40 -20.81
CA GLN A 327 -0.05 -10.55 -21.89
C GLN A 327 -1.49 -10.27 -21.45
N ILE A 328 -1.88 -10.85 -20.32
CA ILE A 328 -3.22 -10.64 -19.81
C ILE A 328 -3.41 -9.14 -19.51
N ARG A 329 -2.44 -8.46 -18.90
CA ARG A 329 -2.63 -7.07 -18.48
C ARG A 329 -2.58 -6.08 -19.67
N ASP A 330 -2.08 -6.51 -20.82
CA ASP A 330 -2.01 -5.68 -22.03
C ASP A 330 -3.03 -6.17 -23.06
N ALA A 331 -3.87 -7.17 -22.71
CA ALA A 331 -4.86 -7.68 -23.65
C ALA A 331 -6.02 -6.68 -23.74
N ASN A 332 -6.42 -6.43 -24.97
CA ASN A 332 -7.59 -5.59 -25.26
C ASN A 332 -8.82 -6.39 -24.82
N ALA A 333 -10.01 -5.75 -24.80
CA ALA A 333 -11.29 -6.44 -24.57
C ALA A 333 -11.37 -7.77 -25.33
N SER A 334 -10.97 -7.81 -26.63
CA SER A 334 -11.03 -9.00 -27.47
C SER A 334 -10.03 -10.08 -27.09
N GLN A 335 -8.75 -9.77 -26.77
CA GLN A 335 -7.75 -10.82 -26.57
C GLN A 335 -7.96 -11.55 -25.22
N LEU A 336 -8.54 -10.85 -24.21
CA LEU A 336 -8.98 -11.45 -22.96
C LEU A 336 -9.91 -12.64 -23.21
N ASP A 337 -10.81 -12.56 -24.20
CA ASP A 337 -11.74 -13.63 -24.52
C ASP A 337 -10.99 -14.84 -25.07
N VAL A 338 -9.93 -14.61 -25.82
CA VAL A 338 -9.14 -15.72 -26.33
C VAL A 338 -8.37 -16.46 -25.21
N LEU A 339 -7.77 -15.68 -24.30
CA LEU A 339 -6.99 -16.24 -23.19
C LEU A 339 -7.93 -16.99 -22.23
N ALA A 340 -9.11 -16.40 -21.94
CA ALA A 340 -10.14 -17.02 -21.09
C ALA A 340 -10.38 -18.46 -21.53
N LYS A 341 -10.52 -18.70 -22.85
CA LYS A 341 -10.87 -20.03 -23.35
C LYS A 341 -9.70 -20.99 -23.18
N GLU A 342 -8.48 -20.52 -23.47
CA GLU A 342 -7.30 -21.37 -23.41
C GLU A 342 -7.05 -21.83 -21.96
N PHE A 343 -7.27 -20.95 -20.96
CA PHE A 343 -6.99 -21.23 -19.55
C PHE A 343 -8.21 -21.73 -18.76
N ASP A 344 -9.31 -22.05 -19.46
CA ASP A 344 -10.55 -22.58 -18.89
C ASP A 344 -10.38 -24.07 -18.63
N THR A 345 -9.47 -24.41 -17.71
CA THR A 345 -9.20 -25.77 -17.32
C THR A 345 -9.10 -25.81 -15.82
N GLN A 346 -9.16 -27.03 -15.26
CA GLN A 346 -9.07 -27.24 -13.82
C GLN A 346 -7.66 -26.90 -13.31
N GLU A 347 -6.61 -27.35 -14.02
CA GLU A 347 -5.21 -27.14 -13.64
C GLU A 347 -4.85 -25.64 -13.66
N THR A 348 -5.45 -24.87 -14.57
CA THR A 348 -5.16 -23.44 -14.65
C THR A 348 -6.31 -22.59 -14.13
N LEU A 349 -7.10 -23.11 -13.19
CA LEU A 349 -8.25 -22.39 -12.64
C LEU A 349 -7.85 -21.00 -12.09
N PRO A 350 -6.75 -20.83 -11.33
CA PRO A 350 -6.35 -19.49 -10.86
C PRO A 350 -6.10 -18.48 -11.97
N ILE A 351 -5.48 -18.92 -13.08
CA ILE A 351 -5.28 -18.06 -14.24
C ILE A 351 -6.61 -17.74 -14.91
N TYR A 352 -7.51 -18.71 -15.06
CA TYR A 352 -8.85 -18.47 -15.58
C TYR A 352 -9.57 -17.39 -14.77
N ALA A 353 -9.66 -17.52 -13.45
CA ALA A 353 -10.39 -16.57 -12.64
C ALA A 353 -9.77 -15.17 -12.72
N TYR A 354 -8.45 -15.12 -12.83
CA TYR A 354 -7.71 -13.88 -12.97
C TYR A 354 -8.10 -13.19 -14.28
N ILE A 355 -8.18 -13.94 -15.37
CA ILE A 355 -8.59 -13.42 -16.67
C ILE A 355 -10.04 -12.95 -16.63
N LEU A 356 -10.95 -13.75 -16.04
CA LEU A 356 -12.35 -13.36 -15.92
C LEU A 356 -12.53 -12.08 -15.13
N GLU A 357 -11.80 -11.94 -14.01
CA GLU A 357 -11.91 -10.80 -13.12
C GLU A 357 -11.59 -9.51 -13.91
N ARG A 358 -10.55 -9.52 -14.74
CA ARG A 358 -10.26 -8.41 -15.66
C ARG A 358 -11.28 -8.29 -16.80
N LYS A 359 -11.65 -9.41 -17.43
CA LYS A 359 -12.50 -9.45 -18.62
C LYS A 359 -13.89 -8.87 -18.35
N ASN A 360 -14.42 -9.09 -17.13
CA ASN A 360 -15.74 -8.67 -16.70
C ASN A 360 -15.69 -7.33 -15.98
N ASN A 361 -14.58 -6.60 -16.17
CA ASN A 361 -14.37 -5.26 -15.64
C ASN A 361 -14.65 -5.19 -14.14
N PHE A 362 -14.33 -6.26 -13.41
CA PHE A 362 -14.36 -6.30 -11.94
C PHE A 362 -15.81 -6.21 -11.39
N LYS A 363 -16.82 -6.62 -12.18
CA LYS A 363 -18.23 -6.58 -11.77
C LYS A 363 -18.69 -7.90 -11.13
N LYS A 364 -18.01 -9.01 -11.45
CA LYS A 364 -18.51 -10.28 -10.96
C LYS A 364 -17.61 -10.70 -9.80
N HIS A 365 -18.14 -11.49 -8.87
CA HIS A 365 -17.39 -11.88 -7.68
C HIS A 365 -16.82 -13.30 -7.82
N TYR A 366 -15.47 -13.42 -7.85
CA TYR A 366 -14.86 -14.73 -8.04
C TYR A 366 -14.09 -15.09 -6.79
N PHE A 367 -14.48 -16.22 -6.22
CA PHE A 367 -14.00 -16.68 -4.94
C PHE A 367 -13.70 -18.18 -5.08
N ILE A 368 -12.58 -18.49 -5.75
CA ILE A 368 -12.24 -19.88 -6.06
C ILE A 368 -11.58 -20.54 -4.84
N MET A 369 -11.53 -21.89 -4.89
CA MET A 369 -10.92 -22.65 -3.81
C MET A 369 -10.05 -23.71 -4.45
N PRO A 370 -8.91 -23.32 -5.06
CA PRO A 370 -8.04 -24.27 -5.73
C PRO A 370 -7.21 -25.11 -4.76
N TYR A 371 -6.80 -26.30 -5.22
CA TYR A 371 -5.92 -27.19 -4.48
C TYR A 371 -6.57 -27.55 -3.13
N TYR A 372 -7.91 -27.66 -3.15
CA TYR A 372 -8.74 -27.77 -1.96
C TYR A 372 -8.41 -29.03 -1.14
N ASP A 373 -7.89 -30.07 -1.81
CA ASP A 373 -7.53 -31.30 -1.08
C ASP A 373 -6.55 -31.03 0.06
N ASN A 374 -5.74 -29.97 -0.07
CA ASN A 374 -4.74 -29.67 0.93
C ASN A 374 -5.32 -29.05 2.18
N ILE A 375 -6.55 -28.49 2.12
CA ILE A 375 -7.08 -27.83 3.30
C ILE A 375 -8.41 -28.45 3.80
N LYS A 376 -8.93 -29.45 3.09
CA LYS A 376 -10.30 -29.91 3.35
C LYS A 376 -10.45 -30.57 4.72
N ASP A 377 -9.35 -30.93 5.37
CA ASP A 377 -9.38 -31.58 6.68
C ASP A 377 -9.21 -30.56 7.81
N TYR A 378 -8.91 -29.28 7.49
CA TYR A 378 -8.97 -28.26 8.52
C TYR A 378 -10.44 -27.94 8.81
N ASN A 379 -10.71 -27.35 9.96
CA ASN A 379 -12.08 -26.90 10.21
C ASN A 379 -12.40 -25.74 9.28
N LYS A 380 -13.70 -25.53 9.03
CA LYS A 380 -14.13 -24.66 7.97
C LYS A 380 -13.74 -23.19 8.23
N THR A 381 -13.69 -22.79 9.48
CA THR A 381 -13.34 -21.42 9.84
C THR A 381 -11.88 -21.17 9.47
N ARG A 382 -11.03 -22.19 9.67
CA ARG A 382 -9.61 -22.12 9.34
C ARG A 382 -9.42 -22.13 7.84
N GLN A 383 -10.19 -22.96 7.13
CA GLN A 383 -10.19 -23.00 5.68
C GLN A 383 -10.48 -21.60 5.13
N ALA A 384 -11.49 -20.96 5.69
CA ALA A 384 -11.92 -19.66 5.18
C ALA A 384 -10.82 -18.61 5.35
N LEU A 385 -10.17 -18.63 6.49
CA LEU A 385 -9.09 -17.68 6.80
C LEU A 385 -7.89 -17.90 5.87
N ILE A 386 -7.50 -19.17 5.66
CA ILE A 386 -6.48 -19.50 4.66
C ILE A 386 -6.85 -18.99 3.27
N LEU A 387 -8.08 -19.31 2.80
CA LEU A 387 -8.51 -18.90 1.50
C LEU A 387 -8.57 -17.37 1.38
N ALA A 388 -8.98 -16.71 2.46
CA ALA A 388 -9.17 -15.25 2.46
C ALA A 388 -7.81 -14.54 2.26
N ILE A 389 -6.82 -15.09 2.93
CA ILE A 389 -5.44 -14.57 2.89
C ILE A 389 -4.88 -14.85 1.50
N ALA A 390 -5.03 -16.08 0.98
CA ALA A 390 -4.49 -16.43 -0.32
C ALA A 390 -5.08 -15.58 -1.45
N ARG A 391 -6.41 -15.40 -1.41
CA ARG A 391 -7.06 -14.59 -2.41
C ARG A 391 -6.42 -13.20 -2.49
N GLN A 392 -6.21 -12.51 -1.39
CA GLN A 392 -5.69 -11.17 -1.40
C GLN A 392 -4.17 -11.17 -1.72
N GLU A 393 -3.43 -12.17 -1.22
CA GLU A 393 -1.97 -12.21 -1.37
C GLU A 393 -1.56 -12.48 -2.81
N SER A 394 -2.23 -13.40 -3.50
CA SER A 394 -1.73 -13.98 -4.72
C SER A 394 -2.78 -14.16 -5.80
N ARG A 395 -4.08 -14.03 -5.45
CA ARG A 395 -5.13 -14.53 -6.32
C ARG A 395 -4.92 -16.01 -6.66
N PHE A 396 -4.30 -16.75 -5.74
CA PHE A 396 -4.05 -18.19 -5.91
C PHE A 396 -3.04 -18.56 -7.01
N ILE A 397 -2.21 -17.59 -7.46
CA ILE A 397 -1.22 -17.87 -8.50
C ILE A 397 -0.03 -18.55 -7.80
N PRO A 398 0.25 -19.82 -8.13
CA PRO A 398 1.25 -20.55 -7.31
C PRO A 398 2.66 -19.97 -7.32
N THR A 399 3.07 -19.36 -8.47
CA THR A 399 4.38 -18.74 -8.61
C THR A 399 4.36 -17.22 -8.50
N ALA A 400 3.41 -16.68 -7.76
CA ALA A 400 3.36 -15.25 -7.51
C ALA A 400 4.62 -14.81 -6.79
N ILE A 401 5.15 -13.67 -7.25
CA ILE A 401 6.30 -13.01 -6.64
C ILE A 401 6.02 -11.52 -6.48
N SER A 402 6.21 -11.03 -5.27
CA SER A 402 5.93 -9.62 -4.98
C SER A 402 7.17 -8.77 -5.25
N VAL A 403 7.01 -7.43 -5.18
CA VAL A 403 8.16 -6.54 -5.32
C VAL A 403 9.17 -6.76 -4.21
N SER A 404 8.79 -7.33 -3.06
CA SER A 404 9.74 -7.62 -1.99
C SER A 404 10.17 -9.09 -2.00
N TYR A 405 9.83 -9.80 -3.07
CA TYR A 405 10.14 -11.20 -3.33
C TYR A 405 9.48 -12.10 -2.29
N ALA A 406 8.26 -11.71 -1.84
CA ALA A 406 7.40 -12.69 -1.16
C ALA A 406 6.94 -13.70 -2.21
N LEU A 407 6.79 -14.99 -1.83
CA LEU A 407 6.63 -16.11 -2.72
C LEU A 407 5.34 -16.93 -2.50
N GLY A 408 4.80 -17.32 -3.64
CA GLY A 408 3.74 -18.28 -3.86
C GLY A 408 2.36 -17.78 -3.43
N MET A 409 1.42 -18.71 -3.28
CA MET A 409 0.02 -18.40 -2.98
C MET A 409 -0.18 -17.69 -1.64
N MET A 410 0.67 -17.93 -0.64
CA MET A 410 0.51 -17.36 0.68
C MET A 410 1.53 -16.23 0.89
N GLN A 411 2.37 -15.95 -0.11
CA GLN A 411 3.25 -14.78 -0.10
C GLN A 411 4.14 -14.71 1.15
N PHE A 412 4.85 -15.83 1.37
CA PHE A 412 5.84 -15.91 2.43
C PHE A 412 7.12 -15.15 2.04
N MET A 413 7.66 -14.41 2.99
CA MET A 413 8.97 -13.80 2.85
C MET A 413 9.98 -14.93 3.02
N PRO A 414 11.07 -14.96 2.22
CA PRO A 414 12.08 -16.01 2.31
C PRO A 414 12.56 -16.38 3.72
N PHE A 415 12.72 -15.38 4.58
CA PHE A 415 13.28 -15.56 5.91
C PHE A 415 12.36 -16.44 6.76
N LEU A 416 11.05 -16.13 6.72
CA LEU A 416 10.08 -16.93 7.45
C LEU A 416 9.91 -18.31 6.82
N ALA A 417 9.88 -18.40 5.49
CA ALA A 417 9.80 -19.66 4.80
C ALA A 417 10.92 -20.62 5.25
N ASN A 418 12.15 -20.10 5.30
CA ASN A 418 13.30 -20.94 5.68
C ASN A 418 13.26 -21.30 7.16
N HIS A 419 12.82 -20.39 8.00
CA HIS A 419 12.67 -20.66 9.42
C HIS A 419 11.73 -21.85 9.62
N ILE A 420 10.54 -21.79 9.01
CA ILE A 420 9.56 -22.85 9.16
C ILE A 420 10.05 -24.14 8.47
N GLY A 421 10.55 -24.04 7.22
CA GLY A 421 10.83 -25.21 6.40
C GLY A 421 12.07 -25.97 6.90
N GLU A 422 13.06 -25.25 7.43
CA GLU A 422 14.37 -25.81 7.80
C GLU A 422 14.45 -26.04 9.32
N LYS A 423 14.19 -25.02 10.11
CA LYS A 423 14.32 -25.16 11.56
C LYS A 423 13.13 -25.89 12.16
N GLU A 424 11.89 -25.48 11.85
CA GLU A 424 10.74 -25.99 12.57
C GLU A 424 10.35 -27.34 12.02
N LEU A 425 10.19 -27.47 10.69
CA LEU A 425 9.58 -28.67 10.14
C LEU A 425 10.64 -29.63 9.66
N LYS A 426 11.86 -29.11 9.49
CA LYS A 426 13.03 -29.90 9.15
C LYS A 426 12.79 -30.71 7.88
N ILE A 427 12.21 -30.05 6.88
CA ILE A 427 11.89 -30.72 5.63
C ILE A 427 13.19 -30.99 4.90
N PRO A 428 13.46 -32.28 4.50
CA PRO A 428 14.74 -32.63 3.86
C PRO A 428 14.85 -31.89 2.51
N ASN A 429 16.03 -31.30 2.27
CA ASN A 429 16.38 -30.62 1.04
C ASN A 429 15.46 -29.40 0.79
N PHE A 430 14.95 -28.81 1.88
CA PHE A 430 14.06 -27.65 1.78
C PHE A 430 14.78 -26.55 1.02
N ASP A 431 14.06 -25.92 0.10
CA ASP A 431 14.47 -24.65 -0.49
C ASP A 431 13.24 -23.71 -0.45
N GLN A 432 13.45 -22.42 -0.19
CA GLN A 432 12.40 -21.40 -0.22
C GLN A 432 11.49 -21.49 -1.46
N ASP A 433 11.98 -21.96 -2.60
CA ASP A 433 11.13 -22.11 -3.78
C ASP A 433 10.04 -23.17 -3.59
N PHE A 434 10.15 -24.03 -2.54
CA PHE A 434 9.04 -24.91 -2.26
C PHE A 434 7.75 -24.11 -1.98
N MET A 435 7.86 -22.86 -1.57
CA MET A 435 6.68 -22.01 -1.33
C MET A 435 5.81 -21.84 -2.57
N PHE A 436 6.33 -22.14 -3.77
CA PHE A 436 5.55 -22.15 -4.99
C PHE A 436 4.66 -23.38 -5.14
N LYS A 437 4.85 -24.42 -4.28
CA LYS A 437 4.02 -25.61 -4.35
C LYS A 437 2.78 -25.36 -3.47
N PRO A 438 1.55 -25.48 -3.98
CA PRO A 438 0.36 -25.23 -3.17
C PRO A 438 0.28 -26.02 -1.87
N GLU A 439 0.70 -27.30 -1.90
CA GLU A 439 0.67 -28.11 -0.68
C GLU A 439 1.53 -27.46 0.38
N ILE A 440 2.67 -26.90 -0.04
CA ILE A 440 3.56 -26.30 0.93
C ILE A 440 3.01 -24.94 1.43
N ALA A 441 2.55 -24.12 0.47
CA ALA A 441 2.01 -22.81 0.81
C ALA A 441 0.87 -22.93 1.84
N TYR A 442 -0.10 -23.82 1.59
CA TYR A 442 -1.26 -23.97 2.50
C TYR A 442 -0.85 -24.53 3.85
N TYR A 443 0.14 -25.46 3.83
CA TYR A 443 0.62 -26.08 5.06
C TYR A 443 1.35 -25.04 5.92
N PHE A 444 2.26 -24.27 5.30
CA PHE A 444 2.95 -23.23 6.04
C PHE A 444 1.99 -22.13 6.49
N GLY A 445 1.08 -21.77 5.59
CA GLY A 445 0.06 -20.78 5.91
C GLY A 445 -0.75 -21.18 7.15
N ASN A 446 -1.21 -22.44 7.17
CA ASN A 446 -1.91 -22.96 8.36
C ASN A 446 -1.04 -22.87 9.59
N TYR A 447 0.24 -23.27 9.43
CA TYR A 447 1.18 -23.25 10.53
C TYR A 447 1.36 -21.86 11.13
N HIS A 448 1.59 -20.83 10.27
CA HIS A 448 1.76 -19.49 10.80
C HIS A 448 0.45 -18.89 11.32
N LEU A 449 -0.66 -19.15 10.64
CA LEU A 449 -1.97 -18.67 11.10
C LEU A 449 -2.34 -19.26 12.47
N ASN A 450 -1.94 -20.52 12.75
CA ASN A 450 -2.08 -21.06 14.10
C ASN A 450 -1.34 -20.22 15.14
N TYR A 451 -0.08 -19.89 14.86
CA TYR A 451 0.69 -19.07 15.77
C TYR A 451 -0.05 -17.75 16.01
N LEU A 452 -0.47 -17.08 14.92
CA LEU A 452 -0.99 -15.73 15.05
C LEU A 452 -2.34 -15.74 15.78
N GLU A 453 -3.19 -16.69 15.38
CA GLU A 453 -4.55 -16.72 15.91
C GLU A 453 -4.55 -17.09 17.39
N SER A 454 -3.66 -17.99 17.81
CA SER A 454 -3.50 -18.28 19.22
C SER A 454 -3.21 -17.02 20.05
N ARG A 455 -2.49 -16.04 19.49
CA ARG A 455 -2.17 -14.82 20.24
C ARG A 455 -3.21 -13.71 20.03
N LEU A 456 -3.90 -13.65 18.88
CA LEU A 456 -4.67 -12.46 18.52
C LEU A 456 -6.18 -12.72 18.41
N LYS A 457 -6.58 -13.95 18.08
CA LYS A 457 -8.00 -14.38 18.09
C LYS A 457 -8.82 -13.90 16.89
N SER A 458 -9.04 -12.58 16.81
CA SER A 458 -9.83 -12.00 15.73
C SER A 458 -9.15 -12.21 14.37
N PRO A 459 -9.91 -12.61 13.32
CA PRO A 459 -9.37 -12.76 11.98
C PRO A 459 -8.91 -11.42 11.41
N LEU A 460 -9.45 -10.30 11.89
CA LEU A 460 -8.95 -9.03 11.41
C LEU A 460 -7.55 -8.76 11.95
N PHE A 461 -7.33 -9.03 13.22
CA PHE A 461 -6.04 -8.81 13.87
C PHE A 461 -5.01 -9.78 13.31
N VAL A 462 -5.41 -11.01 13.04
CA VAL A 462 -4.57 -12.01 12.40
C VAL A 462 -4.12 -11.50 11.03
N ALA A 463 -5.06 -10.89 10.26
CA ALA A 463 -4.72 -10.35 8.95
C ALA A 463 -3.72 -9.21 9.11
N TYR A 464 -3.96 -8.28 10.02
CA TYR A 464 -3.01 -7.19 10.22
C TYR A 464 -1.60 -7.75 10.51
N ALA A 465 -1.51 -8.77 11.37
CA ALA A 465 -0.25 -9.38 11.77
C ALA A 465 0.37 -10.21 10.66
N TYR A 466 -0.45 -10.83 9.80
CA TYR A 466 0.07 -11.60 8.69
C TYR A 466 0.86 -10.67 7.75
N ASN A 467 0.30 -9.48 7.51
CA ASN A 467 0.87 -8.54 6.55
C ASN A 467 1.94 -7.67 7.20
N GLY A 468 1.69 -7.22 8.42
CA GLY A 468 2.48 -6.17 9.02
C GLY A 468 3.43 -6.70 10.10
N GLY A 469 3.24 -7.95 10.56
CA GLY A 469 3.97 -8.52 11.70
C GLY A 469 3.22 -8.40 13.01
N ILE A 470 3.47 -9.38 13.92
CA ILE A 470 2.80 -9.42 15.21
C ILE A 470 3.32 -8.32 16.13
N GLY A 471 4.57 -7.87 15.93
CA GLY A 471 5.12 -6.79 16.73
C GLY A 471 4.34 -5.48 16.54
N PHE A 472 4.16 -5.07 15.28
CA PHE A 472 3.36 -3.89 14.94
C PHE A 472 1.92 -3.99 15.46
N THR A 473 1.35 -5.20 15.34
CA THR A 473 -0.06 -5.41 15.68
C THR A 473 -0.21 -5.29 17.19
N ASN A 474 0.73 -5.95 17.93
CA ASN A 474 0.76 -5.86 19.38
C ASN A 474 0.92 -4.41 19.84
N ARG A 475 1.81 -3.64 19.22
CA ARG A 475 1.99 -2.24 19.63
C ARG A 475 0.76 -1.40 19.37
N MET A 476 0.09 -1.65 18.24
CA MET A 476 -1.15 -0.94 17.97
C MET A 476 -2.21 -1.28 19.03
N LEU A 477 -2.37 -2.58 19.34
CA LEU A 477 -3.40 -3.00 20.28
C LEU A 477 -3.02 -2.59 21.72
N ALA A 478 -1.75 -2.28 22.01
CA ALA A 478 -1.40 -1.79 23.35
C ALA A 478 -1.84 -0.35 23.58
N ARG A 479 -2.14 0.40 22.50
CA ARG A 479 -2.47 1.81 22.63
C ARG A 479 -3.86 1.99 23.24
N ASN A 480 -4.01 3.07 24.04
CA ASN A 480 -5.24 3.40 24.73
C ASN A 480 -6.32 3.85 23.76
N ASP A 481 -5.92 4.24 22.54
CA ASP A 481 -6.83 4.90 21.63
C ASP A 481 -7.22 3.94 20.48
N MET A 482 -6.79 2.67 20.50
CA MET A 482 -7.02 1.79 19.37
C MET A 482 -7.80 0.54 19.79
N PHE A 483 -8.90 0.29 19.08
CA PHE A 483 -9.75 -0.88 19.31
C PHE A 483 -10.24 -1.00 20.75
N LYS A 484 -10.54 0.15 21.36
CA LYS A 484 -11.17 0.21 22.67
C LYS A 484 -12.63 0.59 22.44
N THR A 485 -13.43 0.74 23.52
CA THR A 485 -14.82 1.12 23.37
C THR A 485 -14.94 2.59 22.95
N GLY A 486 -16.02 2.92 22.24
CA GLY A 486 -16.22 4.28 21.76
C GLY A 486 -17.35 4.31 20.77
N LYS A 487 -17.89 5.51 20.62
CA LYS A 487 -19.06 5.82 19.84
C LYS A 487 -18.97 5.24 18.42
N PHE A 488 -17.78 5.40 17.80
CA PHE A 488 -17.61 4.99 16.38
C PHE A 488 -16.68 3.80 16.22
N GLU A 489 -16.49 3.05 17.30
CA GLU A 489 -15.63 1.89 17.30
C GLU A 489 -16.40 0.64 16.85
N PRO A 490 -15.74 -0.38 16.25
CA PRO A 490 -14.29 -0.39 15.98
C PRO A 490 -13.94 0.26 14.63
N PHE A 491 -14.93 0.85 13.97
CA PHE A 491 -14.72 1.39 12.61
C PHE A 491 -13.63 2.48 12.58
N LEU A 492 -13.65 3.39 13.54
CA LEU A 492 -12.70 4.49 13.60
C LEU A 492 -11.27 3.93 13.68
N SER A 493 -11.03 2.97 14.57
CA SER A 493 -9.73 2.32 14.75
C SER A 493 -9.24 1.72 13.46
N MET A 494 -10.14 1.07 12.71
CA MET A 494 -9.76 0.54 11.41
C MET A 494 -9.26 1.58 10.39
N GLU A 495 -9.71 2.84 10.51
CA GLU A 495 -9.24 3.93 9.67
C GLU A 495 -7.86 4.46 10.12
N LEU A 496 -7.46 4.14 11.35
CA LEU A 496 -6.29 4.74 11.97
C LEU A 496 -5.15 3.74 12.15
N VAL A 497 -5.22 2.54 11.55
CA VAL A 497 -4.14 1.55 11.55
C VAL A 497 -2.95 2.20 10.88
N PRO A 498 -1.79 2.36 11.57
CA PRO A 498 -0.79 3.32 11.11
C PRO A 498 0.03 2.97 9.87
N TYR A 499 -0.11 1.76 9.29
CA TYR A 499 0.57 1.42 8.03
C TYR A 499 -0.51 1.20 6.98
N GLN A 500 -0.44 1.95 5.88
CA GLN A 500 -1.46 1.97 4.86
C GLN A 500 -1.67 0.59 4.23
N GLU A 501 -0.59 -0.14 3.92
CA GLU A 501 -0.74 -1.44 3.28
C GLU A 501 -1.55 -2.39 4.18
N SER A 502 -1.24 -2.37 5.48
CA SER A 502 -1.92 -3.21 6.48
C SER A 502 -3.38 -2.77 6.74
N ARG A 503 -3.64 -1.47 6.78
CA ARG A 503 -4.97 -0.89 6.92
C ARG A 503 -5.91 -1.40 5.83
N ILE A 504 -5.47 -1.31 4.58
CA ILE A 504 -6.19 -1.76 3.40
C ILE A 504 -6.32 -3.28 3.44
N TYR A 505 -5.22 -3.99 3.72
CA TYR A 505 -5.17 -5.44 3.69
C TYR A 505 -6.21 -6.08 4.63
N GLY A 506 -6.30 -5.55 5.84
CA GLY A 506 -7.21 -6.08 6.83
C GLY A 506 -8.68 -6.04 6.38
N LYS A 507 -9.09 -4.89 5.81
CA LYS A 507 -10.45 -4.71 5.29
C LYS A 507 -10.73 -5.71 4.17
N LYS A 508 -9.80 -5.89 3.22
CA LYS A 508 -9.97 -6.83 2.12
C LYS A 508 -10.02 -8.25 2.61
N VAL A 509 -9.06 -8.64 3.46
CA VAL A 509 -9.06 -10.02 3.94
C VAL A 509 -10.33 -10.31 4.77
N LEU A 510 -10.80 -9.36 5.55
CA LEU A 510 -12.01 -9.60 6.35
C LEU A 510 -13.23 -9.84 5.45
N ALA A 511 -13.41 -9.05 4.39
CA ALA A 511 -14.42 -9.30 3.39
C ALA A 511 -14.29 -10.72 2.85
N ASN A 512 -13.10 -11.13 2.42
CA ASN A 512 -12.91 -12.44 1.82
C ASN A 512 -13.32 -13.53 2.81
N TYR A 513 -12.93 -13.35 4.08
CA TYR A 513 -13.17 -14.31 5.14
C TYR A 513 -14.69 -14.55 5.28
N ILE A 514 -15.44 -13.46 5.35
CA ILE A 514 -16.91 -13.53 5.41
C ILE A 514 -17.48 -14.31 4.22
N VAL A 515 -17.05 -13.99 3.00
CA VAL A 515 -17.49 -14.72 1.82
C VAL A 515 -17.17 -16.22 1.92
N TYR A 516 -15.91 -16.61 2.25
CA TYR A 516 -15.53 -18.00 2.21
C TYR A 516 -16.27 -18.76 3.33
N ARG A 517 -16.50 -18.13 4.49
CA ARG A 517 -17.27 -18.77 5.55
C ARG A 517 -18.67 -19.09 5.00
N HIS A 518 -19.24 -18.16 4.27
CA HIS A 518 -20.54 -18.35 3.65
C HIS A 518 -20.55 -19.49 2.63
N LEU A 519 -19.54 -19.50 1.75
CA LEU A 519 -19.39 -20.53 0.74
C LEU A 519 -19.16 -21.89 1.36
N LEU A 520 -18.54 -22.01 2.53
CA LEU A 520 -18.27 -23.30 3.12
C LEU A 520 -19.41 -23.78 4.04
N ASN A 521 -20.55 -23.07 4.02
CA ASN A 521 -21.68 -23.38 4.89
C ASN A 521 -21.30 -23.24 6.33
N ASP A 522 -20.60 -22.14 6.64
CA ASP A 522 -20.17 -21.90 7.98
C ASP A 522 -20.30 -20.40 8.25
N SER A 523 -21.46 -19.83 7.87
CA SER A 523 -21.71 -18.39 7.89
C SER A 523 -21.51 -17.79 9.26
N ILE A 524 -20.94 -16.57 9.27
CA ILE A 524 -20.94 -15.78 10.47
C ILE A 524 -21.46 -14.39 10.10
N LYS A 525 -22.13 -13.75 11.05
CA LYS A 525 -22.57 -12.38 10.83
C LYS A 525 -21.36 -11.46 11.01
N ILE A 526 -21.21 -10.48 10.09
CA ILE A 526 -20.04 -9.62 10.17
C ILE A 526 -20.20 -8.74 11.40
N SER A 527 -21.42 -8.51 11.88
CA SER A 527 -21.62 -7.75 13.11
C SER A 527 -21.00 -8.45 14.33
N ASP A 528 -20.94 -9.79 14.34
CA ASP A 528 -20.29 -10.54 15.42
C ASP A 528 -18.77 -10.29 15.38
N ILE A 529 -18.21 -10.19 14.17
CA ILE A 529 -16.77 -9.92 14.06
C ILE A 529 -16.49 -8.56 14.68
N PHE A 530 -17.33 -7.57 14.32
CA PHE A 530 -17.11 -6.21 14.75
C PHE A 530 -17.26 -6.10 16.27
N GLU A 531 -18.25 -6.78 16.83
CA GLU A 531 -18.41 -6.76 18.28
C GLU A 531 -17.18 -7.28 19.01
N ASN A 532 -16.58 -8.36 18.50
CA ASN A 532 -15.42 -9.02 19.10
C ASN A 532 -14.14 -8.20 18.90
N LEU A 533 -14.17 -7.06 18.20
CA LEU A 533 -12.95 -6.28 18.00
C LEU A 533 -12.73 -5.34 19.17
N ILE A 534 -13.74 -5.08 19.96
CA ILE A 534 -13.62 -3.97 20.91
C ILE A 534 -12.81 -4.39 22.15
#